data_4H3A
#
_entry.id   4H3A
#
_cell.length_a   62.975
_cell.length_b   68.713
_cell.length_c   111.918
_cell.angle_alpha   90.00
_cell.angle_beta   90.00
_cell.angle_gamma   90.00
#
_symmetry.space_group_name_H-M   'P 21 21 21'
#
loop_
_entity.id
_entity.type
_entity.pdbx_description
1 polymer 'Undecaprenyl pyrophosphate synthase'
2 non-polymer '(2Z)-2-hydroxy-4-[4-(octyloxy)phenyl]-4-oxobut-2-enoic acid'
3 water water
#
_entity_poly.entity_id   1
_entity_poly.type   'polypeptide(L)'
_entity_poly.pdbx_seq_one_letter_code
;MMLSATQPLSEKLPAHGCRHVAIIMDGNGRWAKKQGKIRAFGHKAGAKSVRRAVSFAANNGIEALTLYAFSSENWNRPAQ
EVSALMELFVWALDSEVKSLHRHNVRLRIIGDTSRFNSRLQERIRKSEALTAGNTGLTLNIAANYGGRWDIVQGVRQLAE
KVQQGNLQPDQIDEEMLNQHVCMHELAPVDLVIRTGGEHRISNFLLWQIAYAELYFTDVLWPDFDEQDFEGALNAFANRE
RRFGGTEPGDETA
;
_entity_poly.pdbx_strand_id   A,B
#
loop_
_chem_comp.id
_chem_comp.type
_chem_comp.name
_chem_comp.formula
0YY non-polymer '(2Z)-2-hydroxy-4-[4-(octyloxy)phenyl]-4-oxobut-2-enoic acid' 'C18 H24 O5'
#
# COMPACT_ATOMS: atom_id res chain seq x y z
N ALA A 15 -12.60 -15.75 16.80
CA ALA A 15 -11.29 -16.36 17.13
C ALA A 15 -10.21 -15.93 16.10
N HIS A 16 -10.50 -15.89 14.82
CA HIS A 16 -9.44 -15.54 13.92
C HIS A 16 -8.99 -14.12 14.12
N GLY A 17 -9.86 -13.27 14.63
CA GLY A 17 -9.51 -11.88 14.71
C GLY A 17 -9.67 -10.85 13.59
N CYS A 18 -10.05 -11.19 12.36
CA CYS A 18 -10.42 -10.23 11.34
C CYS A 18 -11.83 -9.78 11.49
N ARG A 19 -11.92 -8.49 11.54
CA ARG A 19 -13.09 -7.83 11.27
C ARG A 19 -13.25 -7.51 9.78
N HIS A 20 -12.20 -7.23 9.01
CA HIS A 20 -12.45 -6.69 7.62
C HIS A 20 -11.40 -7.33 6.73
N VAL A 21 -11.87 -8.12 5.73
CA VAL A 21 -10.98 -8.78 4.75
C VAL A 21 -11.22 -8.08 3.38
N ALA A 22 -10.17 -7.75 2.64
CA ALA A 22 -10.30 -7.24 1.28
C ALA A 22 -9.61 -8.29 0.32
N ILE A 23 -10.17 -8.48 -0.88
CA ILE A 23 -9.65 -9.50 -1.76
C ILE A 23 -9.49 -8.92 -3.18
N ILE A 24 -8.29 -9.08 -3.74
CA ILE A 24 -8.06 -8.84 -5.15
C ILE A 24 -8.28 -10.17 -5.83
N MET A 25 -9.38 -10.27 -6.58
CA MET A 25 -9.83 -11.52 -7.11
C MET A 25 -9.30 -11.86 -8.51
N ASP A 26 -8.05 -12.23 -8.64
CA ASP A 26 -7.46 -12.31 -9.97
C ASP A 26 -7.33 -13.79 -10.33
N GLY A 27 -7.30 -14.09 -11.65
CA GLY A 27 -7.02 -15.42 -12.08
C GLY A 27 -8.14 -16.00 -12.95
N ASN A 28 -9.20 -15.23 -13.20
CA ASN A 28 -10.42 -15.78 -13.91
C ASN A 28 -10.09 -16.18 -15.37
N GLY A 29 -9.38 -15.29 -16.03
CA GLY A 29 -8.92 -15.48 -17.40
C GLY A 29 -7.98 -16.65 -17.51
N ARG A 30 -6.98 -16.73 -16.64
CA ARG A 30 -6.05 -17.84 -16.64
C ARG A 30 -6.72 -19.19 -16.38
N TRP A 31 -7.73 -19.21 -15.48
CA TRP A 31 -8.49 -20.42 -15.19
C TRP A 31 -9.21 -20.93 -16.40
N ALA A 32 -9.89 -20.03 -17.12
CA ALA A 32 -10.67 -20.43 -18.30
C ALA A 32 -9.67 -20.95 -19.41
N LYS A 33 -8.57 -20.22 -19.60
CA LYS A 33 -7.51 -20.63 -20.58
C LYS A 33 -6.96 -22.02 -20.27
N LYS A 34 -6.63 -22.28 -19.00
CA LYS A 34 -6.16 -23.63 -18.59
C LYS A 34 -7.06 -24.75 -19.06
N GLN A 35 -8.36 -24.48 -19.17
CA GLN A 35 -9.25 -25.49 -19.68
C GLN A 35 -9.77 -25.32 -21.09
N GLY A 36 -9.10 -24.52 -21.91
CA GLY A 36 -9.49 -24.30 -23.33
C GLY A 36 -10.85 -23.60 -23.47
N LYS A 37 -11.24 -22.80 -22.48
CA LYS A 37 -12.49 -22.13 -22.56
C LYS A 37 -12.26 -20.63 -22.73
N ILE A 38 -13.21 -19.95 -23.34
CA ILE A 38 -13.13 -18.51 -23.45
C ILE A 38 -13.38 -17.76 -22.11
N ARG A 39 -12.90 -16.50 -22.09
CA ARG A 39 -12.96 -15.61 -20.91
C ARG A 39 -14.27 -15.68 -20.11
N ALA A 40 -15.41 -15.60 -20.79
CA ALA A 40 -16.75 -15.64 -20.13
C ALA A 40 -17.02 -16.83 -19.20
N PHE A 41 -16.41 -18.00 -19.49
CA PHE A 41 -16.57 -19.11 -18.58
C PHE A 41 -15.80 -18.93 -17.25
N GLY A 42 -14.62 -18.36 -17.36
CA GLY A 42 -13.86 -17.88 -16.16
C GLY A 42 -14.64 -16.85 -15.34
N HIS A 43 -15.27 -15.88 -15.96
CA HIS A 43 -15.99 -14.83 -15.23
C HIS A 43 -17.15 -15.33 -14.42
N LYS A 44 -17.73 -16.27 -15.01
CA LYS A 44 -18.80 -17.11 -14.49
C LYS A 44 -18.34 -18.06 -13.39
N ALA A 45 -17.42 -18.86 -13.58
CA ALA A 45 -16.77 -19.52 -12.41
C ALA A 45 -16.34 -18.56 -11.30
N GLY A 46 -15.82 -17.42 -11.71
CA GLY A 46 -15.40 -16.40 -10.76
C GLY A 46 -16.63 -15.84 -9.97
N ALA A 47 -17.76 -15.68 -10.63
CA ALA A 47 -18.98 -15.18 -9.93
C ALA A 47 -19.44 -16.23 -8.92
N LYS A 48 -19.34 -17.52 -9.27
CA LYS A 48 -19.69 -18.60 -8.30
C LYS A 48 -18.77 -18.51 -7.13
N SER A 49 -17.50 -18.26 -7.41
CA SER A 49 -16.50 -18.15 -6.30
C SER A 49 -16.77 -16.88 -5.38
N VAL A 50 -17.21 -15.78 -5.98
CA VAL A 50 -17.71 -14.62 -5.20
C VAL A 50 -18.87 -15.04 -4.23
N ARG A 51 -19.90 -15.72 -4.75
CA ARG A 51 -21.01 -16.13 -3.85
C ARG A 51 -20.51 -17.01 -2.71
N ARG A 52 -19.56 -17.86 -2.99
CA ARG A 52 -19.01 -18.75 -2.00
C ARG A 52 -18.21 -18.01 -0.94
N ALA A 53 -17.41 -17.05 -1.35
CA ALA A 53 -16.63 -16.24 -0.44
C ALA A 53 -17.53 -15.35 0.46
N VAL A 54 -18.53 -14.75 -0.17
CA VAL A 54 -19.53 -13.96 0.54
C VAL A 54 -20.23 -14.79 1.65
N SER A 55 -20.79 -15.94 1.31
CA SER A 55 -21.40 -16.89 2.31
C SER A 55 -20.45 -17.32 3.38
N PHE A 56 -19.24 -17.67 3.00
CA PHE A 56 -18.20 -18.00 3.97
C PHE A 56 -17.88 -16.86 4.93
N ALA A 57 -17.69 -15.64 4.41
CA ALA A 57 -17.48 -14.48 5.28
C ALA A 57 -18.70 -14.27 6.25
N ALA A 58 -19.88 -14.29 5.68
CA ALA A 58 -21.10 -14.07 6.52
C ALA A 58 -21.23 -15.12 7.64
N ASN A 59 -20.79 -16.35 7.39
CA ASN A 59 -20.91 -17.43 8.37
C ASN A 59 -19.78 -17.54 9.32
N ASN A 60 -18.72 -16.77 9.09
CA ASN A 60 -17.57 -16.84 9.97
C ASN A 60 -17.33 -15.55 10.80
N GLY A 61 -18.40 -14.78 10.94
CA GLY A 61 -18.43 -13.57 11.73
C GLY A 61 -17.56 -12.43 11.27
N ILE A 62 -17.21 -12.36 9.97
CA ILE A 62 -16.41 -11.23 9.45
C ILE A 62 -17.34 -10.04 9.41
N GLU A 63 -16.92 -8.84 9.77
CA GLU A 63 -17.89 -7.71 9.65
C GLU A 63 -17.99 -7.12 8.26
N ALA A 64 -16.87 -7.12 7.53
CA ALA A 64 -16.82 -6.42 6.24
C ALA A 64 -15.93 -7.25 5.27
N LEU A 65 -16.35 -7.28 4.00
CA LEU A 65 -15.59 -8.00 2.97
C LEU A 65 -15.62 -7.06 1.82
N THR A 66 -14.43 -6.70 1.31
CA THR A 66 -14.34 -5.71 0.26
C THR A 66 -13.72 -6.41 -0.98
N LEU A 67 -14.46 -6.45 -2.09
CA LEU A 67 -14.00 -7.21 -3.27
C LEU A 67 -13.57 -6.35 -4.43
N TYR A 68 -12.40 -6.65 -5.03
CA TYR A 68 -11.90 -5.86 -6.18
C TYR A 68 -11.70 -6.89 -7.32
N ALA A 69 -12.55 -6.78 -8.31
CA ALA A 69 -12.48 -7.62 -9.50
C ALA A 69 -11.30 -7.09 -10.32
N PHE A 70 -10.31 -7.91 -10.63
CA PHE A 70 -9.14 -7.38 -11.37
C PHE A 70 -9.01 -8.08 -12.72
N LEU A 88 -20.31 -3.90 -17.14
CA LEU A 88 -21.32 -4.96 -17.26
C LEU A 88 -21.13 -6.00 -16.16
N PHE A 89 -20.07 -5.85 -15.38
CA PHE A 89 -19.84 -6.68 -14.21
C PHE A 89 -20.86 -6.26 -13.20
N VAL A 90 -20.87 -4.96 -12.89
CA VAL A 90 -21.81 -4.41 -11.93
C VAL A 90 -23.24 -4.50 -12.46
N TRP A 91 -23.46 -4.44 -13.76
CA TRP A 91 -24.83 -4.42 -14.24
C TRP A 91 -25.88 -5.49 -14.04
N ALA A 92 -25.52 -6.66 -14.52
CA ALA A 92 -26.36 -7.82 -14.51
C ALA A 92 -26.22 -8.35 -13.12
N LEU A 93 -25.30 -7.76 -12.40
CA LEU A 93 -25.20 -8.04 -10.91
C LEU A 93 -26.32 -7.45 -10.05
N ASP A 94 -26.99 -6.46 -10.56
CA ASP A 94 -28.24 -6.13 -9.98
C ASP A 94 -28.84 -7.46 -9.61
N SER A 95 -28.81 -8.44 -10.51
CA SER A 95 -29.55 -9.67 -10.24
C SER A 95 -29.21 -10.51 -9.01
N GLU A 96 -28.25 -10.04 -8.22
CA GLU A 96 -27.84 -10.73 -7.04
C GLU A 96 -28.30 -9.99 -5.80
N VAL A 97 -28.73 -8.73 -5.96
CA VAL A 97 -29.08 -7.88 -4.79
C VAL A 97 -30.21 -8.47 -3.95
N LYS A 98 -31.22 -9.04 -4.61
CA LYS A 98 -32.34 -9.70 -3.88
C LYS A 98 -31.83 -10.87 -3.01
N SER A 99 -30.95 -11.67 -3.59
CA SER A 99 -30.33 -12.78 -2.89
C SER A 99 -29.43 -12.30 -1.70
N LEU A 100 -28.64 -11.25 -1.90
CA LEU A 100 -27.85 -10.65 -0.80
C LEU A 100 -28.78 -10.25 0.35
N HIS A 101 -29.89 -9.63 0.00
CA HIS A 101 -30.82 -9.06 0.97
C HIS A 101 -31.41 -10.11 1.82
N ARG A 102 -31.75 -11.20 1.20
CA ARG A 102 -32.19 -12.40 1.90
C ARG A 102 -31.13 -13.08 2.82
N HIS A 103 -29.86 -12.73 2.62
CA HIS A 103 -28.80 -13.16 3.54
C HIS A 103 -28.39 -12.13 4.57
N ASN A 104 -29.15 -11.04 4.64
CA ASN A 104 -28.96 -9.97 5.63
C ASN A 104 -27.62 -9.25 5.43
N VAL A 105 -27.20 -9.15 4.16
CA VAL A 105 -25.90 -8.53 3.80
C VAL A 105 -26.19 -7.10 3.40
N ARG A 106 -25.39 -6.19 3.93
CA ARG A 106 -25.51 -4.79 3.63
C ARG A 106 -24.57 -4.51 2.44
N LEU A 107 -25.11 -4.06 1.30
CA LEU A 107 -24.29 -3.87 0.07
C LEU A 107 -23.88 -2.41 -0.16
N ARG A 108 -22.59 -2.17 -0.50
CA ARG A 108 -22.12 -0.81 -0.81
C ARG A 108 -21.17 -0.90 -1.99
N ILE A 109 -21.21 0.08 -2.89
CA ILE A 109 -20.28 0.15 -4.02
C ILE A 109 -19.26 1.23 -3.72
N ILE A 110 -17.96 0.95 -3.84
CA ILE A 110 -16.96 2.00 -3.65
C ILE A 110 -16.28 2.21 -5.00
N GLY A 111 -15.96 3.45 -5.33
CA GLY A 111 -15.25 3.73 -6.58
C GLY A 111 -15.93 4.90 -7.28
N ASP A 112 -15.40 5.27 -8.43
CA ASP A 112 -15.87 6.47 -9.13
C ASP A 112 -16.99 6.04 -10.11
N THR A 113 -18.20 6.13 -9.64
CA THR A 113 -19.33 5.77 -10.46
C THR A 113 -20.04 7.04 -10.98
N SER A 114 -19.42 8.21 -10.78
CA SER A 114 -20.05 9.46 -11.15
C SER A 114 -20.20 9.62 -12.67
N ARG A 115 -19.37 8.92 -13.46
CA ARG A 115 -19.57 8.95 -14.95
C ARG A 115 -20.26 7.71 -15.52
N PHE A 116 -20.98 7.02 -14.67
CA PHE A 116 -21.72 5.82 -15.02
C PHE A 116 -23.06 6.16 -15.65
N ASN A 117 -23.63 5.22 -16.37
CA ASN A 117 -24.84 5.52 -17.11
C ASN A 117 -25.96 5.98 -16.21
N SER A 118 -26.87 6.74 -16.79
CA SER A 118 -28.07 7.07 -16.12
C SER A 118 -28.56 5.78 -15.58
N ARG A 119 -29.00 5.86 -14.36
CA ARG A 119 -29.80 4.82 -13.72
C ARG A 119 -28.94 3.64 -13.29
N LEU A 120 -27.71 3.60 -13.80
CA LEU A 120 -26.80 2.54 -13.48
C LEU A 120 -26.75 3.11 -12.10
N GLN A 121 -26.50 4.40 -12.05
CA GLN A 121 -26.38 5.14 -10.80
C GLN A 121 -27.60 5.09 -9.90
N GLU A 122 -28.79 4.99 -10.52
CA GLU A 122 -30.02 4.91 -9.78
C GLU A 122 -30.22 3.49 -9.21
N ARG A 123 -29.90 2.48 -10.00
CA ARG A 123 -30.08 1.08 -9.57
C ARG A 123 -29.07 0.77 -8.45
N ILE A 124 -27.88 1.35 -8.56
CA ILE A 124 -26.90 1.29 -7.44
C ILE A 124 -27.49 1.92 -6.14
N ARG A 125 -28.02 3.13 -6.25
CA ARG A 125 -28.59 3.82 -5.07
C ARG A 125 -29.71 3.03 -4.42
N LYS A 126 -30.57 2.42 -5.24
CA LYS A 126 -31.71 1.67 -4.68
C LYS A 126 -31.25 0.35 -4.05
N SER A 127 -30.21 -0.23 -4.65
CA SER A 127 -29.62 -1.46 -4.11
C SER A 127 -28.99 -1.19 -2.75
N GLU A 128 -28.24 -0.08 -2.66
CA GLU A 128 -27.70 0.40 -1.37
C GLU A 128 -28.82 0.67 -0.36
N ALA A 129 -29.85 1.41 -0.81
CA ALA A 129 -30.95 1.82 0.07
C ALA A 129 -31.65 0.59 0.60
N LEU A 130 -31.95 -0.35 -0.29
CA LEU A 130 -32.66 -1.56 0.11
C LEU A 130 -31.98 -2.36 1.22
N THR A 131 -30.64 -2.40 1.17
CA THR A 131 -29.91 -3.32 2.04
C THR A 131 -29.26 -2.62 3.22
N ALA A 132 -29.38 -1.28 3.25
CA ALA A 132 -28.64 -0.47 4.24
C ALA A 132 -29.05 -0.77 5.69
N GLY A 133 -30.26 -1.28 5.88
CA GLY A 133 -30.71 -1.71 7.21
C GLY A 133 -30.26 -3.08 7.62
N ASN A 134 -29.65 -3.84 6.69
CA ASN A 134 -29.14 -5.17 7.05
C ASN A 134 -28.03 -5.19 8.11
N THR A 135 -28.08 -6.20 8.98
CA THR A 135 -27.18 -6.27 10.13
C THR A 135 -26.06 -7.36 10.04
N GLY A 136 -26.02 -8.08 8.94
CA GLY A 136 -25.05 -9.17 8.84
C GLY A 136 -23.77 -8.60 8.25
N LEU A 137 -23.13 -9.38 7.41
CA LEU A 137 -21.96 -8.86 6.64
C LEU A 137 -22.19 -7.57 5.86
N THR A 138 -21.21 -6.65 5.97
CA THR A 138 -21.18 -5.53 5.07
C THR A 138 -20.26 -5.92 3.86
N LEU A 139 -20.83 -5.89 2.65
CA LEU A 139 -20.10 -6.29 1.42
C LEU A 139 -19.85 -5.06 0.60
N ASN A 140 -18.57 -4.67 0.46
CA ASN A 140 -18.20 -3.57 -0.40
C ASN A 140 -17.65 -4.08 -1.75
N ILE A 141 -18.22 -3.56 -2.83
CA ILE A 141 -17.84 -3.97 -4.20
C ILE A 141 -17.19 -2.81 -4.86
N ALA A 142 -15.91 -2.97 -5.25
CA ALA A 142 -15.19 -1.87 -5.90
C ALA A 142 -15.64 -1.82 -7.36
N ALA A 143 -16.06 -0.65 -7.82
CA ALA A 143 -16.53 -0.46 -9.19
C ALA A 143 -15.84 0.79 -9.65
N ASN A 144 -15.00 0.68 -10.69
CA ASN A 144 -14.15 1.79 -11.13
C ASN A 144 -13.40 2.42 -9.94
N TYR A 145 -12.76 1.57 -9.12
CA TYR A 145 -12.09 2.00 -7.88
C TYR A 145 -10.59 2.10 -8.13
N GLY A 146 -9.92 3.14 -7.65
CA GLY A 146 -8.47 3.08 -7.52
C GLY A 146 -8.09 3.67 -6.18
N GLY A 147 -7.01 3.16 -5.55
CA GLY A 147 -6.57 3.68 -4.25
C GLY A 147 -6.14 5.14 -4.27
N ARG A 148 -5.44 5.51 -5.35
CA ARG A 148 -5.03 6.90 -5.50
C ARG A 148 -6.24 7.84 -5.67
N TRP A 149 -7.19 7.43 -6.51
CA TRP A 149 -8.45 8.20 -6.70
C TRP A 149 -9.20 8.39 -5.40
N ASP A 150 -9.23 7.35 -4.57
CA ASP A 150 -9.88 7.33 -3.28
C ASP A 150 -9.26 8.45 -2.39
N ILE A 151 -7.94 8.47 -2.30
CA ILE A 151 -7.24 9.51 -1.54
C ILE A 151 -7.58 10.90 -2.11
N VAL A 152 -7.55 10.99 -3.44
CA VAL A 152 -7.77 12.26 -4.12
C VAL A 152 -9.19 12.80 -3.86
N GLN A 153 -10.20 11.96 -3.90
CA GLN A 153 -11.53 12.48 -3.63
C GLN A 153 -11.61 13.00 -2.19
N GLY A 154 -10.89 12.36 -1.27
CA GLY A 154 -10.94 12.78 0.15
C GLY A 154 -10.25 14.12 0.28
N VAL A 155 -9.17 14.30 -0.49
CA VAL A 155 -8.42 15.53 -0.45
C VAL A 155 -9.31 16.63 -0.99
N ARG A 156 -10.08 16.34 -2.07
CA ARG A 156 -11.03 17.35 -2.59
C ARG A 156 -12.14 17.76 -1.61
N GLN A 157 -12.78 16.80 -0.94
CA GLN A 157 -13.69 17.16 0.17
C GLN A 157 -12.98 18.14 1.15
N LEU A 158 -11.73 17.83 1.55
CA LEU A 158 -10.98 18.73 2.46
C LEU A 158 -10.65 20.12 1.87
N ALA A 159 -10.34 20.15 0.58
CA ALA A 159 -10.00 21.41 -0.06
C ALA A 159 -11.29 22.28 -0.14
N GLU A 160 -12.43 21.64 -0.45
CA GLU A 160 -13.70 22.36 -0.43
C GLU A 160 -13.94 23.05 0.89
N LYS A 161 -13.69 22.38 2.02
CA LYS A 161 -13.95 22.96 3.30
C LYS A 161 -12.95 24.09 3.62
N VAL A 162 -11.72 23.92 3.18
CA VAL A 162 -10.76 25.01 3.32
C VAL A 162 -11.31 26.22 2.57
N GLN A 163 -11.72 26.03 1.32
CA GLN A 163 -12.19 27.14 0.48
C GLN A 163 -13.46 27.84 1.02
N GLN A 164 -14.38 27.07 1.60
CA GLN A 164 -15.51 27.63 2.33
C GLN A 164 -15.11 28.36 3.62
N GLY A 165 -13.82 28.33 3.97
CA GLY A 165 -13.30 28.95 5.19
C GLY A 165 -13.56 28.15 6.46
N ASN A 166 -14.19 26.99 6.29
CA ASN A 166 -14.44 26.09 7.43
C ASN A 166 -13.21 25.41 8.06
N LEU A 167 -12.18 25.16 7.25
CA LEU A 167 -11.07 24.32 7.67
C LEU A 167 -9.73 25.04 7.48
N GLN A 168 -8.87 25.01 8.49
CA GLN A 168 -7.52 25.57 8.34
C GLN A 168 -6.55 24.49 7.85
N PRO A 169 -5.69 24.81 6.84
CA PRO A 169 -4.68 23.87 6.38
C PRO A 169 -3.90 23.15 7.51
N ASP A 170 -3.56 23.84 8.59
CA ASP A 170 -2.77 23.19 9.62
C ASP A 170 -3.59 22.35 10.59
N GLN A 171 -4.91 22.37 10.45
CA GLN A 171 -5.69 21.42 11.22
C GLN A 171 -5.70 20.03 10.53
N ILE A 172 -5.32 19.97 9.25
CA ILE A 172 -5.35 18.67 8.45
C ILE A 172 -4.32 17.70 8.98
N ASP A 173 -4.77 16.63 9.63
CA ASP A 173 -3.83 15.62 10.11
C ASP A 173 -4.24 14.26 9.48
N GLU A 174 -3.57 13.20 9.87
CA GLU A 174 -3.87 11.88 9.26
C GLU A 174 -5.29 11.44 9.64
N GLU A 175 -5.65 11.69 10.92
CA GLU A 175 -6.96 11.28 11.46
C GLU A 175 -8.00 11.99 10.65
N MET A 176 -7.74 13.23 10.27
CA MET A 176 -8.74 13.89 9.46
C MET A 176 -8.89 13.28 8.08
N LEU A 177 -7.79 13.16 7.34
CA LEU A 177 -7.90 12.57 5.99
C LEU A 177 -8.47 11.16 6.10
N ASN A 178 -8.19 10.44 7.19
CA ASN A 178 -8.74 9.12 7.38
C ASN A 178 -10.26 9.13 7.35
N GLN A 179 -10.85 10.19 7.91
CA GLN A 179 -12.31 10.34 7.95
C GLN A 179 -12.90 10.63 6.59
N HIS A 180 -12.07 10.86 5.59
CA HIS A 180 -12.61 11.17 4.27
C HIS A 180 -12.34 10.16 3.15
N VAL A 181 -11.70 9.03 3.48
CA VAL A 181 -11.43 8.01 2.45
C VAL A 181 -12.55 6.95 2.52
N CYS A 182 -12.69 6.14 1.47
CA CYS A 182 -13.79 5.16 1.40
C CYS A 182 -13.66 4.27 2.58
N MET A 183 -14.81 3.89 3.15
CA MET A 183 -14.90 2.88 4.19
C MET A 183 -14.43 3.35 5.55
N HIS A 184 -14.20 4.65 5.69
CA HIS A 184 -13.57 5.04 7.03
C HIS A 184 -14.41 4.63 8.26
N GLU A 185 -15.72 4.42 8.05
CA GLU A 185 -16.66 4.11 9.17
C GLU A 185 -16.69 2.65 9.53
N LEU A 186 -15.99 1.79 8.76
CA LEU A 186 -16.00 0.35 9.02
C LEU A 186 -14.75 0.02 9.77
N ALA A 187 -14.67 -1.17 10.39
CA ALA A 187 -13.42 -1.64 11.00
C ALA A 187 -12.24 -1.45 9.95
N PRO A 188 -11.02 -1.09 10.41
CA PRO A 188 -9.85 -1.08 9.50
C PRO A 188 -9.64 -2.42 8.82
N VAL A 189 -9.13 -2.38 7.59
CA VAL A 189 -8.80 -3.64 6.89
C VAL A 189 -7.70 -4.42 7.60
N ASP A 190 -7.96 -5.66 8.03
CA ASP A 190 -7.00 -6.49 8.81
C ASP A 190 -6.18 -7.29 7.85
N LEU A 191 -6.78 -7.69 6.73
CA LEU A 191 -6.10 -8.68 5.89
C LEU A 191 -6.45 -8.40 4.42
N VAL A 192 -5.42 -8.43 3.55
CA VAL A 192 -5.64 -8.32 2.09
C VAL A 192 -5.23 -9.66 1.48
N ILE A 193 -6.12 -10.29 0.75
CA ILE A 193 -5.83 -11.50 0.04
C ILE A 193 -5.70 -11.22 -1.47
N ARG A 194 -4.64 -11.72 -2.12
CA ARG A 194 -4.72 -11.60 -3.59
C ARG A 194 -4.46 -12.99 -4.18
N THR A 195 -5.41 -13.48 -4.96
CA THR A 195 -5.33 -14.77 -5.61
C THR A 195 -4.66 -14.59 -6.98
N GLY A 196 -4.22 -15.70 -7.58
CA GLY A 196 -3.88 -15.60 -9.03
C GLY A 196 -2.38 -15.55 -9.21
N GLY A 197 -1.63 -15.45 -8.11
CA GLY A 197 -0.17 -15.50 -8.19
C GLY A 197 0.64 -14.22 -8.31
N GLU A 198 0.03 -13.06 -8.65
CA GLU A 198 0.82 -11.77 -8.69
C GLU A 198 0.96 -11.17 -7.26
N HIS A 199 2.08 -10.48 -7.02
CA HIS A 199 2.45 -9.96 -5.69
C HIS A 199 2.34 -8.44 -5.52
N ARG A 200 1.35 -7.78 -6.15
CA ARG A 200 1.19 -6.32 -6.01
C ARG A 200 -0.19 -5.90 -5.65
N ILE A 201 -0.36 -4.64 -5.29
CA ILE A 201 -1.70 -4.10 -4.89
C ILE A 201 -2.47 -3.62 -6.12
N SER A 202 -1.73 -3.27 -7.17
CA SER A 202 -2.39 -2.84 -8.42
C SER A 202 -3.37 -1.69 -8.20
N ASN A 203 -2.97 -0.73 -7.36
CA ASN A 203 -3.80 0.43 -7.07
C ASN A 203 -4.94 0.11 -6.10
N PHE A 204 -5.10 -1.08 -5.59
CA PHE A 204 -6.26 -1.36 -4.69
C PHE A 204 -5.97 -0.67 -3.31
N LEU A 205 -6.76 -0.78 -2.19
CA LEU A 205 -6.65 0.17 -1.09
C LEU A 205 -5.20 0.48 -0.72
N LEU A 206 -4.85 1.76 -0.76
CA LEU A 206 -3.48 2.20 -0.45
C LEU A 206 -3.32 2.85 0.93
N TRP A 207 -4.24 3.77 1.26
CA TRP A 207 -4.29 4.45 2.55
C TRP A 207 -4.70 3.43 3.58
N GLN A 208 -5.72 2.67 3.23
CA GLN A 208 -6.40 1.74 4.15
C GLN A 208 -5.57 0.55 4.49
N ILE A 209 -4.53 0.27 3.71
CA ILE A 209 -3.79 -0.98 4.02
C ILE A 209 -2.43 -0.77 4.67
N ALA A 210 -2.19 0.45 5.21
CA ALA A 210 -0.93 0.79 5.93
C ALA A 210 -0.51 -0.27 6.97
N TYR A 211 -1.47 -0.91 7.64
CA TYR A 211 -1.17 -1.88 8.71
C TYR A 211 -1.73 -3.28 8.45
N ALA A 212 -2.31 -3.50 7.26
CA ALA A 212 -2.96 -4.78 6.96
C ALA A 212 -1.95 -5.95 6.73
N GLU A 213 -2.32 -7.15 7.14
CA GLU A 213 -1.61 -8.39 6.76
C GLU A 213 -1.78 -8.56 5.20
N LEU A 214 -0.73 -8.91 4.46
CA LEU A 214 -0.89 -9.12 2.98
C LEU A 214 -0.66 -10.60 2.74
N TYR A 215 -1.61 -11.24 2.08
CA TYR A 215 -1.56 -12.72 1.89
C TYR A 215 -1.74 -13.00 0.37
N PHE A 216 -0.71 -13.55 -0.27
CA PHE A 216 -0.78 -13.85 -1.71
C PHE A 216 -0.82 -15.36 -1.83
N THR A 217 -1.72 -15.84 -2.66
CA THR A 217 -1.80 -17.24 -3.00
C THR A 217 -1.81 -17.42 -4.53
N ASP A 218 -1.20 -18.51 -4.99
CA ASP A 218 -1.14 -18.80 -6.44
C ASP A 218 -2.48 -19.41 -6.85
N VAL A 219 -3.36 -19.76 -5.88
CA VAL A 219 -4.68 -20.29 -6.28
C VAL A 219 -5.41 -19.27 -7.17
N LEU A 220 -6.01 -19.75 -8.27
CA LEU A 220 -6.75 -18.87 -9.20
C LEU A 220 -8.14 -18.60 -8.56
N TRP A 221 -8.68 -17.38 -8.74
CA TRP A 221 -9.91 -16.98 -8.13
C TRP A 221 -11.04 -18.01 -8.22
N PRO A 222 -11.33 -18.55 -9.44
CA PRO A 222 -12.45 -19.53 -9.47
C PRO A 222 -12.26 -20.79 -8.52
N ASP A 223 -11.02 -21.17 -8.24
CA ASP A 223 -10.73 -22.33 -7.34
C ASP A 223 -10.62 -21.99 -5.88
N PHE A 224 -10.61 -20.70 -5.55
CA PHE A 224 -10.41 -20.23 -4.18
C PHE A 224 -11.69 -20.55 -3.38
N ASP A 225 -11.60 -21.52 -2.46
CA ASP A 225 -12.81 -22.02 -1.75
C ASP A 225 -12.72 -21.85 -0.23
N GLU A 226 -13.78 -22.23 0.50
CA GLU A 226 -13.76 -22.09 1.96
C GLU A 226 -12.47 -22.48 2.66
N GLN A 227 -11.84 -23.58 2.26
CA GLN A 227 -10.61 -23.99 2.96
C GLN A 227 -9.45 -23.09 2.65
N ASP A 228 -9.39 -22.61 1.40
CA ASP A 228 -8.43 -21.52 1.09
C ASP A 228 -8.70 -20.24 1.95
N PHE A 229 -9.95 -19.85 2.13
CA PHE A 229 -10.31 -18.68 2.92
C PHE A 229 -9.95 -18.92 4.39
N GLU A 230 -10.27 -20.11 4.88
CA GLU A 230 -9.89 -20.52 6.24
C GLU A 230 -8.40 -20.43 6.41
N GLY A 231 -7.67 -20.89 5.41
CA GLY A 231 -6.21 -20.84 5.45
C GLY A 231 -5.65 -19.42 5.52
N ALA A 232 -6.25 -18.47 4.82
CA ALA A 232 -5.80 -17.06 4.97
C ALA A 232 -6.13 -16.49 6.39
N LEU A 233 -7.31 -16.82 6.90
CA LEU A 233 -7.74 -16.30 8.20
C LEU A 233 -6.84 -16.87 9.30
N ASN A 234 -6.57 -18.17 9.25
CA ASN A 234 -5.72 -18.81 10.24
C ASN A 234 -4.28 -18.29 10.13
N ALA A 235 -3.83 -18.04 8.91
CA ALA A 235 -2.57 -17.32 8.74
C ALA A 235 -2.56 -15.89 9.36
N PHE A 236 -3.62 -15.11 9.19
CA PHE A 236 -3.73 -13.84 9.86
C PHE A 236 -3.73 -14.11 11.41
N ALA A 237 -4.47 -15.09 11.87
CA ALA A 237 -4.55 -15.32 13.36
C ALA A 237 -3.19 -15.69 13.97
N ASN A 238 -2.40 -16.51 13.26
CA ASN A 238 -1.06 -16.93 13.69
C ASN A 238 0.02 -15.86 13.50
N ARG A 239 -0.23 -14.90 12.63
CA ARG A 239 0.80 -13.91 12.34
C ARG A 239 0.42 -12.56 12.89
N GLY B 17 15.38 -4.52 -15.49
CA GLY B 17 14.41 -3.50 -15.81
C GLY B 17 13.95 -2.85 -14.53
N CYS B 18 14.67 -3.05 -13.48
CA CYS B 18 14.14 -2.67 -12.21
C CYS B 18 14.71 -1.33 -11.78
N ARG B 19 14.04 -0.23 -11.76
CA ARG B 19 14.80 0.99 -11.57
C ARG B 19 14.95 1.52 -10.14
N HIS B 20 13.99 1.22 -9.30
CA HIS B 20 13.91 1.85 -7.94
C HIS B 20 13.47 0.73 -6.98
N VAL B 21 14.30 0.39 -6.01
CA VAL B 21 14.03 -0.67 -5.04
C VAL B 21 13.85 0.01 -3.66
N ALA B 22 12.78 -0.35 -2.95
CA ALA B 22 12.62 0.17 -1.55
C ALA B 22 12.74 -1.06 -0.59
N ILE B 23 13.31 -0.89 0.58
CA ILE B 23 13.51 -2.03 1.46
C ILE B 23 13.06 -1.67 2.89
N ILE B 24 12.22 -2.52 3.45
CA ILE B 24 11.85 -2.40 4.85
C ILE B 24 12.84 -3.34 5.58
N MET B 25 13.80 -2.77 6.26
CA MET B 25 14.92 -3.53 6.76
C MET B 25 14.59 -4.11 8.15
N ASP B 26 13.84 -5.20 8.23
CA ASP B 26 13.39 -5.63 9.58
C ASP B 26 14.20 -6.83 9.97
N GLY B 27 14.39 -6.99 11.30
CA GLY B 27 14.95 -8.22 11.86
C GLY B 27 16.24 -8.10 12.65
N ASN B 28 16.73 -6.87 12.83
CA ASN B 28 17.92 -6.60 13.59
C ASN B 28 17.82 -7.12 15.08
N GLY B 29 16.72 -6.78 15.77
CA GLY B 29 16.44 -7.24 17.14
C GLY B 29 16.34 -8.75 17.25
N ARG B 30 15.60 -9.38 16.35
CA ARG B 30 15.45 -10.82 16.38
C ARG B 30 16.79 -11.50 16.09
N TRP B 31 17.57 -10.92 15.18
CA TRP B 31 18.89 -11.47 14.86
C TRP B 31 19.81 -11.43 16.06
N ALA B 32 19.83 -10.30 16.76
CA ALA B 32 20.71 -10.11 17.92
C ALA B 32 20.39 -11.22 18.95
N LYS B 33 19.10 -11.31 19.29
CA LYS B 33 18.57 -12.30 20.23
C LYS B 33 18.85 -13.75 19.83
N LYS B 34 18.70 -14.11 18.54
CA LYS B 34 19.16 -15.44 18.06
C LYS B 34 20.64 -15.69 18.27
N GLN B 35 21.48 -14.67 18.06
CA GLN B 35 22.94 -14.76 18.30
C GLN B 35 23.31 -14.72 19.79
N GLY B 36 22.32 -14.79 20.67
CA GLY B 36 22.48 -14.55 22.13
C GLY B 36 23.16 -13.24 22.52
N LYS B 37 22.90 -12.14 21.79
CA LYS B 37 23.54 -10.84 22.03
C LYS B 37 22.49 -9.71 22.27
N ILE B 38 22.93 -8.58 22.82
CA ILE B 38 22.05 -7.42 23.02
C ILE B 38 21.70 -6.68 21.71
N ARG B 39 20.60 -5.92 21.78
CA ARG B 39 20.12 -5.03 20.69
C ARG B 39 21.22 -4.31 19.87
N ALA B 40 22.18 -3.65 20.54
CA ALA B 40 23.24 -2.85 19.84
C ALA B 40 24.07 -3.66 18.84
N PHE B 41 24.24 -4.95 19.16
CA PHE B 41 24.98 -5.85 18.31
C PHE B 41 24.23 -6.08 17.00
N GLY B 42 22.90 -6.19 17.10
CA GLY B 42 22.03 -6.30 15.91
C GLY B 42 22.16 -5.03 15.08
N HIS B 43 22.17 -3.90 15.73
CA HIS B 43 22.31 -2.70 14.99
C HIS B 43 23.58 -2.56 14.22
N LYS B 44 24.67 -2.93 14.84
CA LYS B 44 25.95 -2.89 14.16
C LYS B 44 26.00 -3.85 12.97
N ALA B 45 25.39 -5.03 13.11
CA ALA B 45 25.38 -5.95 11.97
C ALA B 45 24.40 -5.45 10.84
N GLY B 46 23.28 -4.88 11.27
CA GLY B 46 22.35 -4.12 10.39
C GLY B 46 23.04 -3.05 9.53
N ALA B 47 23.87 -2.20 10.13
CA ALA B 47 24.63 -1.17 9.41
C ALA B 47 25.57 -1.80 8.37
N LYS B 48 26.16 -2.95 8.70
CA LYS B 48 27.04 -3.61 7.70
C LYS B 48 26.20 -4.12 6.55
N SER B 49 25.00 -4.52 6.88
CA SER B 49 24.12 -4.96 5.81
C SER B 49 23.65 -3.80 4.92
N VAL B 50 23.43 -2.64 5.55
CA VAL B 50 23.14 -1.43 4.80
C VAL B 50 24.27 -1.19 3.78
N ARG B 51 25.52 -1.17 4.23
CA ARG B 51 26.62 -0.88 3.26
C ARG B 51 26.67 -1.86 2.11
N ARG B 52 26.57 -3.14 2.43
CA ARG B 52 26.51 -4.18 1.38
C ARG B 52 25.39 -3.99 0.36
N ALA B 53 24.16 -3.60 0.81
CA ALA B 53 23.02 -3.46 -0.10
C ALA B 53 23.21 -2.19 -1.01
N VAL B 54 23.74 -1.15 -0.40
CA VAL B 54 24.05 0.09 -1.08
C VAL B 54 25.11 -0.20 -2.18
N SER B 55 26.16 -0.93 -1.81
CA SER B 55 27.22 -1.26 -2.81
C SER B 55 26.64 -2.07 -3.96
N PHE B 56 25.90 -3.10 -3.61
CA PHE B 56 25.24 -3.92 -4.58
C PHE B 56 24.33 -3.16 -5.50
N ALA B 57 23.44 -2.31 -4.96
CA ALA B 57 22.64 -1.54 -5.88
C ALA B 57 23.52 -0.63 -6.79
N ALA B 58 24.51 0.06 -6.24
CA ALA B 58 25.30 0.95 -7.07
C ALA B 58 26.03 0.14 -8.14
N ASN B 59 26.48 -1.05 -7.82
CA ASN B 59 27.17 -1.91 -8.83
C ASN B 59 26.34 -2.52 -9.92
N ASN B 60 25.03 -2.53 -9.72
CA ASN B 60 24.19 -3.20 -10.60
C ASN B 60 23.29 -2.31 -11.36
N GLY B 61 23.60 -1.02 -11.35
CA GLY B 61 22.84 -0.05 -12.18
C GLY B 61 21.45 0.32 -11.67
N ILE B 62 21.10 -0.03 -10.44
CA ILE B 62 19.82 0.50 -9.89
C ILE B 62 19.87 2.02 -9.74
N GLU B 63 18.82 2.71 -10.17
CA GLU B 63 18.81 4.18 -10.12
C GLU B 63 18.56 4.72 -8.75
N ALA B 64 17.64 4.08 -7.99
CA ALA B 64 17.30 4.64 -6.69
C ALA B 64 17.10 3.49 -5.70
N LEU B 65 17.59 3.66 -4.47
CA LEU B 65 17.42 2.68 -3.43
C LEU B 65 16.88 3.44 -2.19
N THR B 66 15.72 3.01 -1.68
CA THR B 66 15.04 3.73 -0.59
C THR B 66 14.94 2.78 0.67
N LEU B 67 15.56 3.15 1.78
CA LEU B 67 15.75 2.19 2.93
C LEU B 67 14.97 2.69 4.13
N TYR B 68 14.15 1.82 4.67
CA TYR B 68 13.35 2.21 5.84
C TYR B 68 13.79 1.36 7.03
N ALA B 69 14.37 1.98 8.06
CA ALA B 69 14.75 1.19 9.26
C ALA B 69 13.53 1.08 10.14
N PHE B 70 13.18 -0.13 10.53
CA PHE B 70 11.86 -0.41 11.16
C PHE B 70 11.86 -0.78 12.66
N GLU B 87 16.94 9.69 15.23
CA GLU B 87 18.09 10.58 15.35
C GLU B 87 19.41 9.82 15.53
N LEU B 88 19.43 8.76 16.34
CA LEU B 88 20.65 7.96 16.52
C LEU B 88 21.12 7.29 15.21
N PHE B 89 20.15 6.76 14.45
CA PHE B 89 20.40 6.10 13.13
C PHE B 89 20.97 7.08 12.07
N VAL B 90 20.34 8.24 11.97
CA VAL B 90 20.85 9.28 11.05
C VAL B 90 22.28 9.72 11.50
N TRP B 91 22.49 9.96 12.78
CA TRP B 91 23.79 10.33 13.23
C TRP B 91 24.87 9.43 12.78
N ALA B 92 24.64 8.13 12.82
CA ALA B 92 25.63 7.13 12.37
C ALA B 92 25.96 7.29 10.86
N LEU B 93 24.97 7.66 10.04
CA LEU B 93 25.20 7.85 8.59
C LEU B 93 26.20 8.99 8.36
N ASP B 94 26.12 10.02 9.21
CA ASP B 94 26.91 11.24 9.10
C ASP B 94 28.38 11.02 8.74
N SER B 95 29.03 10.07 9.42
CA SER B 95 30.44 9.72 9.13
C SER B 95 30.72 8.92 7.82
N GLU B 96 29.66 8.48 7.13
CA GLU B 96 29.73 7.72 5.85
C GLU B 96 29.52 8.61 4.64
N VAL B 97 29.16 9.85 4.87
CA VAL B 97 28.75 10.71 3.76
C VAL B 97 29.88 11.04 2.76
N LYS B 98 31.07 11.24 3.30
CA LYS B 98 32.27 11.53 2.47
C LYS B 98 32.52 10.41 1.47
N SER B 99 32.39 9.19 1.95
CA SER B 99 32.58 8.03 1.13
C SER B 99 31.48 7.80 0.10
N LEU B 100 30.20 8.04 0.48
CA LEU B 100 29.11 8.02 -0.53
C LEU B 100 29.33 9.02 -1.65
N HIS B 101 29.72 10.23 -1.27
CA HIS B 101 30.02 11.31 -2.24
C HIS B 101 31.07 10.92 -3.28
N ARG B 102 32.15 10.29 -2.81
CA ARG B 102 33.18 9.80 -3.74
C ARG B 102 32.60 8.81 -4.72
N HIS B 103 31.56 8.09 -4.31
CA HIS B 103 30.99 7.07 -5.12
C HIS B 103 29.92 7.60 -6.03
N ASN B 104 29.80 8.91 -6.12
CA ASN B 104 28.83 9.56 -7.02
C ASN B 104 27.36 9.31 -6.56
N VAL B 105 27.19 8.98 -5.28
CA VAL B 105 25.83 8.73 -4.71
C VAL B 105 25.14 10.04 -4.31
N ARG B 106 23.88 10.20 -4.70
CA ARG B 106 23.06 11.33 -4.24
C ARG B 106 22.28 10.89 -2.97
N LEU B 107 22.52 11.55 -1.85
CA LEU B 107 21.87 11.13 -0.56
C LEU B 107 20.68 12.05 -0.27
N ARG B 108 19.51 11.48 0.07
CA ARG B 108 18.38 12.28 0.58
C ARG B 108 17.80 11.58 1.80
N ILE B 109 17.36 12.38 2.74
CA ILE B 109 16.61 11.87 3.91
C ILE B 109 15.14 12.20 3.61
N ILE B 110 14.25 11.21 3.71
CA ILE B 110 12.81 11.48 3.55
C ILE B 110 12.13 11.22 4.89
N GLY B 111 11.10 11.97 5.24
CA GLY B 111 10.52 11.79 6.60
C GLY B 111 10.48 13.12 7.36
N ASP B 112 9.88 13.12 8.54
CA ASP B 112 9.63 14.39 9.25
C ASP B 112 10.74 14.59 10.27
N THR B 113 11.69 15.39 9.83
CA THR B 113 12.94 15.67 10.56
C THR B 113 12.85 17.05 11.23
N SER B 114 11.65 17.68 11.17
CA SER B 114 11.41 19.04 11.67
C SER B 114 11.50 19.17 13.22
N ARG B 115 11.33 18.07 13.96
CA ARG B 115 11.55 18.10 15.40
C ARG B 115 12.94 17.51 15.78
N PHE B 116 13.79 17.20 14.79
CA PHE B 116 15.16 16.80 15.07
C PHE B 116 15.96 18.01 15.64
N ASN B 117 17.00 17.78 16.42
CA ASN B 117 17.75 18.98 16.80
C ASN B 117 18.33 19.72 15.62
N SER B 118 18.50 21.03 15.79
CA SER B 118 18.87 21.91 14.65
C SER B 118 20.27 21.59 14.18
N ARG B 119 21.11 21.09 15.06
CA ARG B 119 22.45 20.73 14.64
C ARG B 119 22.38 19.59 13.67
N LEU B 120 21.64 18.57 14.04
CA LEU B 120 21.40 17.43 13.14
C LEU B 120 20.66 17.84 11.85
N GLN B 121 19.61 18.67 11.93
CA GLN B 121 18.95 19.15 10.73
C GLN B 121 19.92 19.82 9.79
N GLU B 122 20.79 20.65 10.34
CA GLU B 122 21.78 21.35 9.51
C GLU B 122 22.77 20.35 8.89
N ARG B 123 23.20 19.32 9.64
CA ARG B 123 24.13 18.27 9.11
C ARG B 123 23.46 17.50 7.95
N ILE B 124 22.18 17.18 8.13
CA ILE B 124 21.37 16.61 7.05
C ILE B 124 21.32 17.51 5.81
N ARG B 125 21.04 18.79 6.01
CA ARG B 125 20.97 19.72 4.87
C ARG B 125 22.30 19.83 4.16
N LYS B 126 23.37 19.82 4.92
CA LYS B 126 24.73 19.91 4.35
C LYS B 126 25.11 18.65 3.55
N SER B 127 24.78 17.47 4.06
CA SER B 127 25.05 16.24 3.32
C SER B 127 24.24 16.13 2.04
N GLU B 128 22.98 16.53 2.10
CA GLU B 128 22.14 16.53 0.94
C GLU B 128 22.71 17.53 -0.09
N ALA B 129 23.06 18.72 0.39
CA ALA B 129 23.62 19.75 -0.52
C ALA B 129 24.94 19.29 -1.12
N LEU B 130 25.83 18.75 -0.30
CA LEU B 130 27.05 18.13 -0.81
C LEU B 130 26.89 17.17 -1.98
N THR B 131 25.92 16.23 -1.86
CA THR B 131 25.75 15.18 -2.86
C THR B 131 24.67 15.45 -3.89
N ALA B 132 24.02 16.61 -3.83
CA ALA B 132 22.76 16.82 -4.59
C ALA B 132 23.00 16.79 -6.09
N GLY B 133 24.25 17.05 -6.47
CA GLY B 133 24.65 17.14 -7.87
C GLY B 133 25.17 15.81 -8.38
N ASN B 134 25.19 14.76 -7.54
CA ASN B 134 25.71 13.44 -7.97
C ASN B 134 24.76 12.73 -8.94
N THR B 135 25.31 11.96 -9.87
CA THR B 135 24.47 11.40 -10.90
C THR B 135 24.43 9.87 -10.86
N GLY B 136 25.08 9.24 -9.88
CA GLY B 136 24.96 7.79 -9.73
C GLY B 136 23.71 7.39 -8.96
N LEU B 137 23.86 6.49 -8.00
CA LEU B 137 22.70 5.91 -7.31
C LEU B 137 22.07 7.02 -6.44
N THR B 138 20.76 7.21 -6.48
CA THR B 138 20.14 8.08 -5.45
C THR B 138 19.75 7.17 -4.25
N LEU B 139 20.23 7.47 -3.04
CA LEU B 139 19.97 6.66 -1.84
C LEU B 139 19.04 7.51 -0.97
N ASN B 140 17.79 7.06 -0.78
CA ASN B 140 16.87 7.77 0.10
C ASN B 140 16.84 7.01 1.42
N ILE B 141 17.08 7.71 2.54
CA ILE B 141 17.09 7.12 3.89
C ILE B 141 15.82 7.65 4.62
N ALA B 142 14.89 6.74 4.91
CA ALA B 142 13.70 7.20 5.67
C ALA B 142 14.06 7.49 7.13
N ALA B 143 13.69 8.67 7.61
CA ALA B 143 14.01 9.01 9.02
C ALA B 143 12.74 9.61 9.59
N ASN B 144 12.09 8.88 10.49
CA ASN B 144 10.79 9.34 11.03
C ASN B 144 9.80 9.55 9.88
N TYR B 145 9.78 8.58 8.94
CA TYR B 145 8.92 8.63 7.80
C TYR B 145 7.65 7.78 8.05
N GLY B 146 6.49 8.18 7.53
CA GLY B 146 5.30 7.32 7.49
C GLY B 146 4.65 7.59 6.18
N GLY B 147 4.07 6.56 5.54
CA GLY B 147 3.42 6.82 4.26
C GLY B 147 2.20 7.75 4.31
N ARG B 148 1.47 7.65 5.42
CA ARG B 148 0.29 8.51 5.64
C ARG B 148 0.74 9.96 5.92
N TRP B 149 1.78 10.12 6.73
CA TRP B 149 2.41 11.42 6.93
C TRP B 149 2.82 12.08 5.65
N ASP B 150 3.42 11.31 4.78
CA ASP B 150 3.92 11.77 3.49
C ASP B 150 2.78 12.32 2.64
N ILE B 151 1.70 11.54 2.51
CA ILE B 151 0.47 12.02 1.82
C ILE B 151 -0.07 13.32 2.47
N VAL B 152 -0.19 13.33 3.81
CA VAL B 152 -0.74 14.47 4.56
C VAL B 152 0.07 15.77 4.36
N GLN B 153 1.39 15.64 4.36
CA GLN B 153 2.25 16.82 4.17
C GLN B 153 2.00 17.38 2.80
N GLY B 154 1.77 16.50 1.80
CA GLY B 154 1.45 16.97 0.45
C GLY B 154 0.00 17.56 0.36
N VAL B 155 -0.90 17.04 1.17
CA VAL B 155 -2.29 17.56 1.19
C VAL B 155 -2.29 18.96 1.84
N ARG B 156 -1.50 19.10 2.91
CA ARG B 156 -1.31 20.39 3.61
C ARG B 156 -0.86 21.46 2.65
N GLN B 157 0.13 21.11 1.84
CA GLN B 157 0.61 22.04 0.81
C GLN B 157 -0.47 22.47 -0.15
N LEU B 158 -1.25 21.54 -0.69
CA LEU B 158 -2.37 21.88 -1.57
C LEU B 158 -3.41 22.77 -0.86
N ALA B 159 -3.71 22.45 0.41
CA ALA B 159 -4.61 23.21 1.27
C ALA B 159 -4.17 24.69 1.45
N GLU B 160 -2.87 24.91 1.73
CA GLU B 160 -2.29 26.26 1.76
C GLU B 160 -2.53 26.99 0.41
N LYS B 161 -2.36 26.27 -0.72
CA LYS B 161 -2.66 26.88 -2.04
C LYS B 161 -4.13 27.22 -2.26
N VAL B 162 -5.04 26.36 -1.78
CA VAL B 162 -6.47 26.62 -1.96
C VAL B 162 -6.83 27.87 -1.15
N GLN B 163 -6.35 27.93 0.11
CA GLN B 163 -6.57 29.08 0.99
C GLN B 163 -6.02 30.39 0.43
N GLN B 164 -4.82 30.36 -0.13
CA GLN B 164 -4.28 31.51 -0.84
C GLN B 164 -5.06 31.87 -2.10
N GLY B 165 -6.08 31.09 -2.45
CA GLY B 165 -6.86 31.32 -3.67
C GLY B 165 -6.11 30.90 -4.95
N ASN B 166 -4.97 30.24 -4.78
CA ASN B 166 -4.14 29.82 -5.92
C ASN B 166 -4.51 28.51 -6.65
N LEU B 167 -5.54 27.83 -6.15
CA LEU B 167 -5.98 26.58 -6.75
C LEU B 167 -7.45 26.30 -6.44
N GLN B 168 -8.06 25.43 -7.22
CA GLN B 168 -9.47 25.07 -7.03
C GLN B 168 -9.62 23.62 -6.59
N PRO B 169 -10.52 23.37 -5.71
CA PRO B 169 -10.76 22.02 -5.30
C PRO B 169 -10.80 21.15 -6.52
N ASP B 170 -11.51 21.59 -7.54
CA ASP B 170 -11.86 20.77 -8.70
C ASP B 170 -10.64 20.46 -9.56
N GLN B 171 -9.58 21.25 -9.37
CA GLN B 171 -8.33 21.05 -10.13
C GLN B 171 -7.38 19.97 -9.49
N ILE B 172 -7.60 19.60 -8.23
CA ILE B 172 -6.69 18.64 -7.59
C ILE B 172 -6.89 17.25 -8.21
N ASP B 173 -5.85 16.71 -8.84
CA ASP B 173 -5.97 15.36 -9.37
C ASP B 173 -4.77 14.49 -8.92
N GLU B 174 -4.72 13.25 -9.39
CA GLU B 174 -3.64 12.32 -9.03
C GLU B 174 -2.31 12.87 -9.41
N GLU B 175 -2.18 13.30 -10.67
CA GLU B 175 -0.95 13.95 -11.14
C GLU B 175 -0.48 15.04 -10.16
N MET B 176 -1.38 15.96 -9.83
CA MET B 176 -1.00 17.02 -8.94
C MET B 176 -0.62 16.55 -7.52
N LEU B 177 -1.34 15.58 -6.91
CA LEU B 177 -0.92 15.16 -5.55
C LEU B 177 0.44 14.46 -5.65
N ASN B 178 0.59 13.70 -6.70
CA ASN B 178 1.85 13.02 -6.96
C ASN B 178 3.08 13.93 -6.88
N GLN B 179 2.92 15.16 -7.38
CA GLN B 179 3.96 16.19 -7.41
C GLN B 179 4.31 16.74 -6.06
N HIS B 180 3.54 16.39 -5.06
CA HIS B 180 3.76 16.89 -3.71
C HIS B 180 4.01 15.80 -2.67
N VAL B 181 4.25 14.55 -3.12
CA VAL B 181 4.65 13.45 -2.23
C VAL B 181 6.11 13.12 -2.44
N CYS B 182 6.74 12.53 -1.43
CA CYS B 182 8.19 12.30 -1.49
C CYS B 182 8.56 11.50 -2.76
N MET B 183 9.72 11.81 -3.34
CA MET B 183 10.36 11.04 -4.44
C MET B 183 9.70 11.22 -5.80
N HIS B 184 8.83 12.23 -5.94
CA HIS B 184 8.11 12.36 -7.20
C HIS B 184 9.08 12.65 -8.38
N GLU B 185 10.25 13.22 -8.13
CA GLU B 185 11.25 13.35 -9.21
C GLU B 185 11.97 12.08 -9.66
N LEU B 186 11.81 10.95 -8.96
CA LEU B 186 12.58 9.72 -9.24
C LEU B 186 11.82 8.67 -10.04
N ALA B 187 12.51 7.71 -10.66
CA ALA B 187 11.78 6.56 -11.24
C ALA B 187 10.73 6.01 -10.21
N PRO B 188 9.54 5.59 -10.69
CA PRO B 188 8.56 4.91 -9.84
C PRO B 188 9.19 3.73 -9.12
N VAL B 189 8.74 3.51 -7.89
CA VAL B 189 9.17 2.31 -7.13
C VAL B 189 8.69 1.03 -7.83
N ASP B 190 9.64 0.19 -8.17
CA ASP B 190 9.39 -1.00 -8.96
C ASP B 190 9.22 -2.18 -8.03
N LEU B 191 9.94 -2.18 -6.89
CA LEU B 191 10.07 -3.41 -6.10
C LEU B 191 10.20 -2.97 -4.65
N VAL B 192 9.41 -3.59 -3.79
CA VAL B 192 9.54 -3.35 -2.32
C VAL B 192 9.95 -4.69 -1.73
N ILE B 193 11.01 -4.70 -0.92
CA ILE B 193 11.51 -5.89 -0.25
C ILE B 193 11.24 -5.67 1.23
N ARG B 194 10.65 -6.68 1.89
CA ARG B 194 10.63 -6.66 3.39
C ARG B 194 11.34 -7.91 3.97
N THR B 195 12.40 -7.71 4.75
CA THR B 195 13.10 -8.79 5.38
C THR B 195 12.43 -9.06 6.71
N GLY B 196 12.78 -10.19 7.34
CA GLY B 196 12.44 -10.32 8.74
C GLY B 196 11.16 -11.09 8.99
N GLY B 197 10.47 -11.48 7.93
CA GLY B 197 9.35 -12.42 8.10
C GLY B 197 7.97 -11.82 8.13
N GLU B 198 7.80 -10.50 8.38
CA GLU B 198 6.41 -9.98 8.45
C GLU B 198 5.90 -9.63 7.06
N HIS B 199 4.59 -9.69 6.86
CA HIS B 199 3.94 -9.44 5.59
C HIS B 199 3.02 -8.25 5.57
N ARG B 200 3.57 -7.07 5.63
CA ARG B 200 2.86 -5.83 5.95
C ARG B 200 3.75 -4.76 5.42
N ILE B 201 3.14 -3.65 5.05
CA ILE B 201 3.87 -2.43 4.65
C ILE B 201 4.23 -1.58 5.88
N SER B 202 3.48 -1.73 6.96
CA SER B 202 3.72 -1.01 8.21
C SER B 202 3.89 0.51 8.01
N ASN B 203 3.04 1.12 7.15
CA ASN B 203 3.02 2.54 6.91
C ASN B 203 4.38 3.08 6.44
N PHE B 204 5.11 2.23 5.73
CA PHE B 204 6.15 2.78 4.84
C PHE B 204 5.34 3.20 3.57
N LEU B 205 6.03 3.58 2.49
CA LEU B 205 5.37 4.06 1.26
C LEU B 205 4.02 3.45 0.96
N LEU B 206 3.07 4.29 0.57
CA LEU B 206 1.71 3.90 0.30
C LEU B 206 1.32 4.42 -1.08
N TRP B 207 1.26 5.72 -1.24
CA TRP B 207 0.99 6.28 -2.54
C TRP B 207 1.88 5.69 -3.57
N GLN B 208 3.14 5.56 -3.24
CA GLN B 208 4.21 5.27 -4.23
C GLN B 208 4.27 3.81 -4.60
N ILE B 209 3.51 2.97 -3.89
CA ILE B 209 3.63 1.56 -4.16
C ILE B 209 2.44 0.97 -4.86
N ALA B 210 1.62 1.82 -5.46
CA ALA B 210 0.43 1.34 -6.18
C ALA B 210 0.69 0.16 -7.17
N TYR B 211 1.85 0.14 -7.81
CA TYR B 211 2.09 -0.81 -8.90
C TYR B 211 3.39 -1.53 -8.67
N ALA B 212 3.98 -1.42 -7.47
CA ALA B 212 5.23 -2.08 -7.18
C ALA B 212 5.10 -3.59 -6.93
N GLU B 213 6.12 -4.36 -7.31
CA GLU B 213 6.22 -5.80 -6.91
C GLU B 213 6.49 -5.82 -5.40
N LEU B 214 5.88 -6.74 -4.65
CA LEU B 214 6.10 -6.82 -3.19
C LEU B 214 6.70 -8.17 -2.87
N TYR B 215 7.88 -8.16 -2.27
CA TYR B 215 8.65 -9.37 -2.12
C TYR B 215 8.99 -9.50 -0.62
N PHE B 216 8.52 -10.59 0.01
CA PHE B 216 8.72 -10.75 1.43
C PHE B 216 9.63 -11.93 1.68
N THR B 217 10.63 -11.79 2.53
CA THR B 217 11.55 -12.87 2.77
C THR B 217 11.69 -12.98 4.29
N ASP B 218 11.76 -14.21 4.78
CA ASP B 218 12.05 -14.52 6.23
C ASP B 218 13.47 -14.23 6.65
N VAL B 219 14.36 -14.11 5.68
CA VAL B 219 15.74 -13.71 6.00
C VAL B 219 15.75 -12.46 6.85
N LEU B 220 16.58 -12.43 7.93
CA LEU B 220 16.66 -11.27 8.79
C LEU B 220 17.62 -10.23 8.23
N TRP B 221 17.37 -8.94 8.51
CA TRP B 221 18.13 -7.86 7.78
C TRP B 221 19.63 -8.02 7.83
N PRO B 222 20.19 -8.33 9.03
CA PRO B 222 21.67 -8.46 9.06
C PRO B 222 22.22 -9.59 8.15
N ASP B 223 21.41 -10.62 7.87
CA ASP B 223 21.87 -11.74 7.01
C ASP B 223 21.59 -11.48 5.50
N PHE B 224 20.80 -10.45 5.19
CA PHE B 224 20.33 -10.25 3.82
C PHE B 224 21.54 -9.82 3.00
N ASP B 225 21.94 -10.64 2.04
CA ASP B 225 23.20 -10.42 1.29
C ASP B 225 22.99 -10.44 -0.23
N GLU B 226 24.04 -10.18 -1.00
CA GLU B 226 23.87 -10.08 -2.45
C GLU B 226 23.04 -11.12 -3.15
N GLN B 227 23.13 -12.37 -2.68
CA GLN B 227 22.32 -13.44 -3.28
C GLN B 227 20.84 -13.22 -2.98
N ASP B 228 20.51 -12.83 -1.74
CA ASP B 228 19.09 -12.52 -1.39
C ASP B 228 18.52 -11.34 -2.20
N PHE B 229 19.32 -10.32 -2.41
CA PHE B 229 18.96 -9.16 -3.19
C PHE B 229 18.71 -9.59 -4.63
N GLU B 230 19.62 -10.36 -5.20
CA GLU B 230 19.39 -10.91 -6.54
C GLU B 230 18.12 -11.75 -6.67
N GLY B 231 17.91 -12.62 -5.69
CA GLY B 231 16.64 -13.38 -5.67
C GLY B 231 15.43 -12.49 -5.76
N ALA B 232 15.42 -11.33 -5.05
CA ALA B 232 14.30 -10.44 -5.16
C ALA B 232 14.15 -9.78 -6.56
N LEU B 233 15.28 -9.39 -7.12
CA LEU B 233 15.34 -8.85 -8.49
C LEU B 233 14.79 -9.88 -9.52
N ASN B 234 15.03 -11.18 -9.29
CA ASN B 234 14.43 -12.23 -10.14
C ASN B 234 12.91 -12.29 -10.09
N ALA B 235 12.33 -12.15 -8.90
CA ALA B 235 10.90 -12.06 -8.75
C ALA B 235 10.35 -10.93 -9.59
N PHE B 236 11.04 -9.78 -9.63
CA PHE B 236 10.57 -8.70 -10.40
C PHE B 236 10.66 -9.14 -11.88
N ALA B 237 11.82 -9.64 -12.27
CA ALA B 237 12.07 -10.03 -13.66
C ALA B 237 11.06 -11.04 -14.21
N ASN B 238 10.71 -12.04 -13.39
CA ASN B 238 9.52 -12.89 -13.61
C ASN B 238 8.12 -12.19 -13.72
N ARG B 239 7.90 -11.05 -13.09
CA ARG B 239 6.60 -10.37 -13.25
C ARG B 239 6.20 -9.91 -14.63
OAB 0YY C . -27.57 -18.90 -5.97
CAS 0YY C . -28.04 -19.62 -5.09
OAD 0YY C . -28.68 -20.64 -5.39
CAU 0YY C . -27.80 -19.27 -3.65
OAE 0YY C . -28.33 -20.04 -2.66
CAF 0YY C . -26.97 -18.00 -3.41
CAT 0YY C . -26.64 -17.40 -2.05
OAC 0YY C . -26.90 -17.95 -0.98
CAW 0YY C . -25.82 -16.27 -2.22
CAJ 0YY C . -26.05 -15.49 -3.35
CAH 0YY C . -25.29 -14.38 -3.65
CAI 0YY C . -24.74 -15.96 -1.41
CAG 0YY C . -23.97 -14.86 -1.73
CAV 0YY C . -24.24 -14.08 -2.84
OAR 0YY C . -23.49 -13.04 -3.12
CAQ 0YY C . -23.78 -12.56 -4.38
CAP 0YY C . -22.88 -11.37 -4.63
CAO 0YY C . -22.68 -11.21 -6.13
CAN 0YY C . -22.36 -12.56 -6.78
CAM 0YY C . -22.14 -12.44 -8.28
CAL 0YY C . -20.72 -12.08 -8.62
CAK 0YY C . -20.68 -11.06 -9.75
CAA 0YY C . -21.78 -11.37 -10.76
OAB 0YY D . 35.31 5.60 0.40
CAS 0YY D . 35.26 5.02 -0.70
OAD 0YY D . 36.19 5.28 -1.49
CAU 0YY D . 34.09 4.00 -1.05
OAE 0YY D . 33.90 3.41 -2.26
CAF 0YY D . 32.99 3.74 -0.01
CAT 0YY D . 32.00 2.70 -0.42
OAC 0YY D . 32.01 2.29 -1.56
CAW 0YY D . 30.86 2.62 0.32
CAJ 0YY D . 30.72 3.32 1.50
CAH 0YY D . 29.51 3.30 2.13
CAI 0YY D . 29.76 2.04 -0.26
CAG 0YY D . 28.55 2.02 0.38
CAV 0YY D . 28.43 2.66 1.58
OAR 0YY D . 27.27 2.64 2.19
CAQ 0YY D . 27.15 3.57 3.18
CAP 0YY D . 25.70 3.55 3.53
CAO 0YY D . 25.48 4.17 4.86
CAN 0YY D . 25.71 3.08 5.86
CAM 0YY D . 25.32 3.62 7.20
CAL 0YY D . 24.43 2.65 7.92
CAK 0YY D . 24.03 3.31 9.22
CAA 0YY D . 23.29 2.32 10.09
#